data_1TTU
#
_entry.id   1TTU
#
_cell.length_a   127.547
_cell.length_b   127.547
_cell.length_c   97.604
_cell.angle_alpha   90.00
_cell.angle_beta   90.00
_cell.angle_gamma   120.00
#
_symmetry.space_group_name_H-M   'P 61'
#
loop_
_entity.id
_entity.type
_entity.pdbx_description
1 polymer "5'-D(*TP*TP*AP*CP*TP*GP*TP*GP*GP*GP*AP*AP*AP*GP*A)-3'"
2 polymer "5'-D(*AP*AP*TP*CP*TP*TP*TP*CP*CP*CP*AP*CP*AP*GP*T)-3'"
3 polymer 'lin-12 And Glp-1 transcriptional regulator'
4 non-polymer 1,2-ETHANEDIOL
5 water water
#
loop_
_entity_poly.entity_id
_entity_poly.type
_entity_poly.pdbx_seq_one_letter_code
_entity_poly.pdbx_strand_id
1 'polydeoxyribonucleotide' (DT)(DT)(DA)(DC)(DT)(DG)(DT)(DG)(DG)(DG)(DA)(DA)(DA)(DG)(DA) B
2 'polydeoxyribonucleotide' (DA)(DA)(DT)(DC)(DT)(DT)(DT)(DC)(DC)(DC)(DA)(DC)(DA)(DG)(DT) C
3 'polypeptide(L)'
;GPLGSGDSVQSLTSDRMIDFLSNKEKYECVISIFHAKVAQKSYGNEKRFFCPPPCIYLIGQGWKLKKDRVAQLYKTLKAS
AQKDAAIENDPIHEQQATELVAYIGIGSDTSERQQLDFSTGKVRHPGDQRQDPNIYDYCAAKTLYISDSDKRKYFDLNAQ
FFYGCGMEIGGFVSQRIKVISKPSKKKQSMKNTDCKYLCIASGTKVALFNRLRSQTVSTRYLHVEGNAFHASSTKWGAFT
IHLFDDERGLQETDNFAVRDGFVYYGSVVKLVDSVTGIALPRLRIRKVDKQQVILDASCSEEPVSQLHKCAFQMIDNELV
YLCLSHDKIIQHQATAINEHRHQINDGAAWTIISTDKAEYRFFEAMGQVANPISPCPVVGSLEVDGHGEASRVELHGRDF
KPNLKVWFGATPVETTFRSEESLHCSIPPVSQVRNEQTHWMFTNRTTGDVEVPISLVRDDGVVYSSGLTFSYKSLER
;
A
#
loop_
_chem_comp.id
_chem_comp.type
_chem_comp.name
_chem_comp.formula
DA DNA linking 2'-DEOXYADENOSINE-5'-MONOPHOSPHATE 'C10 H14 N5 O6 P'
DC DNA linking 2'-DEOXYCYTIDINE-5'-MONOPHOSPHATE 'C9 H14 N3 O7 P'
DG DNA linking 2'-DEOXYGUANOSINE-5'-MONOPHOSPHATE 'C10 H14 N5 O7 P'
DT DNA linking THYMIDINE-5'-MONOPHOSPHATE 'C10 H15 N2 O8 P'
EDO non-polymer 1,2-ETHANEDIOL 'C2 H6 O2'
#
# COMPACT_ATOMS: atom_id res chain seq x y z
N VAL C 9 17.36 10.00 29.99
CA VAL C 9 16.27 9.11 30.54
C VAL C 9 15.45 8.65 29.37
N GLN C 10 15.06 7.38 29.40
CA GLN C 10 14.29 6.77 28.32
C GLN C 10 15.11 6.42 27.08
N SER C 11 16.38 6.78 27.07
CA SER C 11 17.22 6.38 25.94
C SER C 11 17.18 4.84 25.80
N LEU C 12 16.95 4.33 24.59
CA LEU C 12 16.90 2.87 24.41
C LEU C 12 18.10 2.15 24.98
N THR C 13 17.80 1.02 25.62
CA THR C 13 18.79 0.15 26.24
C THR C 13 19.04 -1.15 25.47
N SER C 14 20.31 -1.45 25.25
CA SER C 14 20.68 -2.65 24.54
C SER C 14 19.83 -3.87 24.88
N ASP C 15 19.65 -4.14 26.17
CA ASP C 15 18.85 -5.30 26.53
C ASP C 15 17.42 -5.12 26.03
N ARG C 16 16.89 -3.92 26.21
CA ARG C 16 15.55 -3.65 25.79
C ARG C 16 15.43 -3.75 24.25
N MET C 17 16.50 -3.44 23.52
CA MET C 17 16.46 -3.57 22.07
C MET C 17 16.38 -5.07 21.74
N ILE C 18 17.17 -5.88 22.46
CA ILE C 18 17.18 -7.31 22.24
C ILE C 18 15.83 -7.95 22.57
N ASP C 19 15.19 -7.48 23.64
CA ASP C 19 13.90 -8.02 24.00
C ASP C 19 13.04 -7.83 22.78
N PHE C 20 13.05 -6.61 22.25
CA PHE C 20 12.27 -6.21 21.06
C PHE C 20 12.59 -6.92 19.75
N LEU C 21 13.86 -6.99 19.35
CA LEU C 21 14.15 -7.65 18.09
C LEU C 21 13.67 -9.10 18.17
N SER C 22 13.87 -9.72 19.31
CA SER C 22 13.48 -11.11 19.45
C SER C 22 11.96 -11.29 19.54
N ASN C 23 11.23 -10.19 19.75
CA ASN C 23 9.77 -10.25 19.83
C ASN C 23 9.14 -9.22 18.92
N LYS C 24 9.72 -9.05 17.75
CA LYS C 24 9.23 -8.04 16.84
C LYS C 24 7.74 -8.14 16.63
N GLU C 25 7.28 -9.31 16.22
CA GLU C 25 5.86 -9.42 15.94
C GLU C 25 4.99 -9.03 17.09
N LYS C 26 5.32 -9.50 18.27
CA LYS C 26 4.49 -9.23 19.41
C LYS C 26 4.46 -7.78 19.80
N TYR C 27 5.61 -7.13 19.73
CA TYR C 27 5.67 -5.75 20.18
C TYR C 27 5.32 -4.68 19.17
N GLU C 28 5.92 -4.81 17.99
CA GLU C 28 5.74 -3.87 16.91
C GLU C 28 4.36 -3.43 16.55
N CYS C 29 4.21 -2.13 16.45
CA CYS C 29 2.96 -1.50 16.07
C CYS C 29 3.05 -1.25 14.57
N VAL C 30 2.04 -1.72 13.85
CA VAL C 30 2.05 -1.59 12.42
C VAL C 30 0.82 -0.90 11.92
N ILE C 31 1.02 0.14 11.12
CA ILE C 31 -0.14 0.84 10.58
C ILE C 31 0.05 0.95 9.08
N SER C 32 -0.95 0.49 8.35
CA SER C 32 -0.92 0.48 6.89
C SER C 32 -2.09 1.23 6.30
N ILE C 33 -1.80 2.05 5.28
CA ILE C 33 -2.80 2.82 4.58
C ILE C 33 -2.87 2.41 3.13
N PHE C 34 -4.07 2.12 2.63
CA PHE C 34 -4.21 1.73 1.22
C PHE C 34 -5.15 2.68 0.55
N HIS C 35 -4.79 3.00 -0.69
CA HIS C 35 -5.57 3.91 -1.50
C HIS C 35 -5.23 3.80 -2.99
N ALA C 36 -6.01 4.46 -3.81
CA ALA C 36 -5.78 4.46 -5.24
C ALA C 36 -4.76 5.57 -5.57
N LYS C 37 -4.02 5.35 -6.65
CA LYS C 37 -3.02 6.29 -7.08
C LYS C 37 -3.60 7.52 -7.76
N VAL C 38 -4.88 7.45 -8.08
CA VAL C 38 -5.49 8.55 -8.78
C VAL C 38 -6.83 8.86 -8.17
N ALA C 39 -7.33 10.07 -8.37
CA ALA C 39 -8.66 10.50 -7.88
C ALA C 39 -9.31 11.51 -8.84
N GLN C 40 -10.53 11.23 -9.27
CA GLN C 40 -11.24 12.11 -10.19
C GLN C 40 -11.71 13.35 -9.42
N LYS C 41 -11.52 14.55 -9.98
CA LYS C 41 -11.96 15.75 -9.28
C LYS C 41 -13.45 16.04 -9.41
N SER C 42 -13.94 16.83 -8.46
CA SER C 42 -15.34 17.19 -8.38
C SER C 42 -15.45 18.64 -8.77
N TYR C 43 -16.33 18.90 -9.74
CA TYR C 43 -16.60 20.25 -10.26
C TYR C 43 -17.88 20.78 -9.62
N GLY C 44 -17.94 22.09 -9.41
CA GLY C 44 -19.11 22.69 -8.81
C GLY C 44 -19.37 22.14 -7.42
N ASN C 45 -20.64 21.99 -7.05
CA ASN C 45 -20.98 21.47 -5.73
C ASN C 45 -20.95 19.95 -5.59
N GLU C 46 -20.97 19.23 -6.71
CA GLU C 46 -20.97 17.77 -6.67
C GLU C 46 -19.83 17.22 -5.82
N LYS C 47 -19.96 15.95 -5.46
CA LYS C 47 -18.95 15.26 -4.66
C LYS C 47 -18.74 13.90 -5.28
N ARG C 48 -17.60 13.72 -5.94
CA ARG C 48 -17.24 12.45 -6.57
C ARG C 48 -16.25 11.78 -5.59
N PHE C 49 -16.72 10.78 -4.86
CA PHE C 49 -15.91 10.14 -3.82
C PHE C 49 -14.80 9.23 -4.28
N PHE C 50 -13.70 9.22 -3.52
CA PHE C 50 -12.53 8.36 -3.77
C PHE C 50 -12.95 6.89 -3.66
N CYS C 51 -12.73 6.14 -4.73
CA CYS C 51 -13.08 4.72 -4.77
C CYS C 51 -11.90 3.94 -5.37
N PRO C 52 -11.45 2.85 -4.71
CA PRO C 52 -12.02 2.36 -3.45
C PRO C 52 -11.73 3.37 -2.38
N PRO C 53 -12.41 3.24 -1.25
CA PRO C 53 -12.21 4.16 -0.13
C PRO C 53 -10.86 3.96 0.54
N PRO C 54 -10.14 5.05 0.79
CA PRO C 54 -8.84 4.88 1.46
C PRO C 54 -9.16 4.19 2.79
N CYS C 55 -8.29 3.32 3.25
CA CYS C 55 -8.54 2.61 4.52
C CYS C 55 -7.22 2.36 5.25
N ILE C 56 -7.34 2.05 6.53
CA ILE C 56 -6.19 1.82 7.36
C ILE C 56 -6.40 0.57 8.17
N TYR C 57 -5.36 -0.24 8.29
CA TYR C 57 -5.45 -1.44 9.10
C TYR C 57 -4.41 -1.24 10.18
N LEU C 58 -4.79 -1.50 11.44
CA LEU C 58 -3.83 -1.41 12.55
C LEU C 58 -3.51 -2.88 12.76
N ILE C 59 -2.39 -3.35 12.23
CA ILE C 59 -2.03 -4.75 12.36
C ILE C 59 -1.13 -5.01 13.55
N GLY C 60 -1.21 -6.24 14.07
CA GLY C 60 -0.36 -6.65 15.18
C GLY C 60 -0.83 -6.55 16.62
N GLN C 61 -0.34 -7.47 17.45
CA GLN C 61 -0.68 -7.47 18.86
C GLN C 61 -0.15 -6.19 19.52
N GLY C 62 1.02 -5.74 19.07
CA GLY C 62 1.64 -4.55 19.61
C GLY C 62 0.67 -3.45 20.00
N TRP C 63 -0.42 -3.30 19.26
CA TRP C 63 -1.41 -2.27 19.53
C TRP C 63 -2.19 -2.49 20.82
N LYS C 64 -2.33 -3.75 21.22
CA LYS C 64 -3.07 -4.06 22.44
C LYS C 64 -2.22 -3.78 23.66
N LEU C 65 -0.92 -4.01 23.56
CA LEU C 65 -0.06 -3.73 24.69
C LEU C 65 -0.15 -2.24 24.87
N LYS C 66 -0.14 -1.53 23.76
CA LYS C 66 -0.22 -0.08 23.80
C LYS C 66 -1.53 0.37 24.45
N LYS C 67 -2.61 -0.32 24.14
CA LYS C 67 -3.92 0.01 24.69
C LYS C 67 -3.85 -0.05 26.20
N ASP C 68 -3.26 -1.12 26.71
CA ASP C 68 -3.10 -1.30 28.14
C ASP C 68 -2.21 -0.22 28.72
N ARG C 69 -0.97 -0.14 28.23
CA ARG C 69 -0.05 0.88 28.75
C ARG C 69 -0.75 2.23 28.80
N VAL C 70 -1.88 2.32 28.11
CA VAL C 70 -2.70 3.52 28.04
C VAL C 70 -3.75 3.48 29.15
N ALA C 71 -4.61 2.46 29.09
CA ALA C 71 -5.68 2.27 30.07
C ALA C 71 -5.17 2.35 31.49
N GLN C 72 -3.98 1.81 31.71
CA GLN C 72 -3.38 1.81 33.05
C GLN C 72 -2.69 3.13 33.41
N LEU C 73 -1.86 3.68 32.53
CA LEU C 73 -1.22 4.95 32.85
C LEU C 73 -2.31 6.01 32.81
N TYR C 74 -3.54 5.55 32.55
CA TYR C 74 -4.72 6.40 32.49
C TYR C 74 -5.26 6.61 33.89
N LYS C 75 -5.85 5.56 34.45
CA LYS C 75 -6.41 5.58 35.80
C LYS C 75 -5.35 6.05 36.79
N THR C 76 -4.98 7.32 36.65
CA THR C 76 -3.96 7.98 37.46
C THR C 76 -4.39 9.42 37.74
N GLU C 94 -16.73 8.84 28.47
CA GLU C 94 -16.01 9.17 29.69
C GLU C 94 -15.15 7.99 30.15
N GLN C 95 -15.82 7.01 30.74
CA GLN C 95 -15.20 5.79 31.24
C GLN C 95 -14.05 5.25 30.37
N GLN C 96 -14.40 4.49 29.34
CA GLN C 96 -13.46 3.88 28.41
C GLN C 96 -12.97 4.82 27.31
N ALA C 97 -11.93 5.59 27.63
CA ALA C 97 -11.32 6.53 26.70
C ALA C 97 -9.99 5.96 26.22
N THR C 98 -9.95 4.64 26.03
CA THR C 98 -8.76 3.96 25.55
C THR C 98 -9.07 3.48 24.14
N GLU C 99 -10.10 4.09 23.54
CA GLU C 99 -10.53 3.77 22.19
C GLU C 99 -9.86 4.70 21.20
N LEU C 100 -9.86 4.29 19.93
CA LEU C 100 -9.24 5.08 18.86
C LEU C 100 -10.20 6.09 18.24
N VAL C 101 -9.68 7.29 18.01
CA VAL C 101 -10.42 8.34 17.35
C VAL C 101 -9.47 8.71 16.24
N ALA C 102 -9.88 8.50 15.01
CA ALA C 102 -9.00 8.81 13.89
C ALA C 102 -9.59 9.83 12.94
N TYR C 103 -8.72 10.63 12.35
CA TYR C 103 -9.16 11.64 11.40
C TYR C 103 -8.32 11.61 10.16
N ILE C 104 -8.92 11.86 9.00
CA ILE C 104 -8.15 11.85 7.77
C ILE C 104 -8.51 13.04 6.92
N GLY C 105 -7.51 13.58 6.23
CA GLY C 105 -7.74 14.72 5.38
C GLY C 105 -6.76 14.87 4.24
N ILE C 106 -7.08 15.78 3.32
CA ILE C 106 -6.23 16.03 2.17
C ILE C 106 -5.14 16.97 2.64
N GLY C 107 -3.90 16.58 2.39
CA GLY C 107 -2.76 17.38 2.81
C GLY C 107 -2.81 17.70 4.29
N SER C 108 -2.44 18.93 4.62
CA SER C 108 -2.41 19.37 6.02
C SER C 108 -3.60 20.21 6.50
N ASP C 109 -4.42 20.73 5.59
CA ASP C 109 -5.56 21.55 6.02
C ASP C 109 -6.54 20.76 6.87
N THR C 110 -7.27 21.46 7.72
CA THR C 110 -8.20 20.80 8.64
C THR C 110 -9.68 21.12 8.41
N SER C 111 -9.99 21.73 7.28
CA SER C 111 -11.37 22.04 6.97
C SER C 111 -12.17 20.74 6.83
N GLU C 112 -11.78 19.93 5.84
CA GLU C 112 -12.46 18.67 5.53
C GLU C 112 -11.93 17.46 6.31
N ARG C 113 -11.34 17.70 7.47
CA ARG C 113 -10.84 16.59 8.27
C ARG C 113 -12.00 15.66 8.56
N GLN C 114 -12.21 14.65 7.72
CA GLN C 114 -13.29 13.72 8.01
C GLN C 114 -12.92 12.69 9.08
N GLN C 115 -13.87 12.39 9.94
CA GLN C 115 -13.59 11.44 10.99
C GLN C 115 -13.68 10.06 10.45
N LEU C 116 -12.71 9.24 10.84
CA LEU C 116 -12.66 7.85 10.41
C LEU C 116 -13.54 6.97 11.29
N ASP C 117 -14.34 6.15 10.61
CA ASP C 117 -15.29 5.22 11.24
C ASP C 117 -14.67 4.24 12.25
N PHE C 118 -14.55 2.98 11.83
CA PHE C 118 -14.03 1.86 12.64
C PHE C 118 -15.12 0.83 12.83
N PRO C 133 -7.91 -11.54 11.34
CA PRO C 133 -7.00 -12.39 12.11
C PRO C 133 -6.22 -11.60 13.15
N ASN C 134 -5.05 -11.12 12.72
CA ASN C 134 -4.18 -10.32 13.57
C ASN C 134 -4.37 -8.86 13.24
N ILE C 135 -5.61 -8.52 12.86
CA ILE C 135 -6.02 -7.16 12.54
C ILE C 135 -6.60 -6.58 13.83
N TYR C 136 -5.88 -5.67 14.47
CA TYR C 136 -6.35 -5.07 15.70
C TYR C 136 -7.46 -4.05 15.49
N ASP C 137 -7.55 -3.50 14.29
CA ASP C 137 -8.58 -2.54 13.99
C ASP C 137 -8.47 -2.08 12.56
N TYR C 138 -9.62 -1.70 11.99
CA TYR C 138 -9.70 -1.28 10.61
C TYR C 138 -10.59 -0.04 10.48
N CYS C 139 -10.49 0.65 9.34
CA CYS C 139 -11.34 1.80 9.08
C CYS C 139 -11.13 2.32 7.67
N ALA C 140 -12.23 2.76 7.06
CA ALA C 140 -12.19 3.29 5.69
C ALA C 140 -12.88 4.64 5.54
N ALA C 141 -12.27 5.55 4.78
CA ALA C 141 -12.87 6.86 4.51
C ALA C 141 -13.70 6.65 3.24
N LYS C 142 -15.03 6.65 3.38
CA LYS C 142 -15.92 6.40 2.25
C LYS C 142 -16.53 7.59 1.53
N THR C 143 -16.29 8.79 2.04
CA THR C 143 -16.84 9.95 1.38
C THR C 143 -15.89 11.14 1.19
N LEU C 144 -14.63 10.85 0.90
CA LEU C 144 -13.68 11.90 0.64
C LEU C 144 -13.87 12.38 -0.80
N TYR C 145 -13.52 13.63 -1.08
CA TYR C 145 -13.62 14.13 -2.45
C TYR C 145 -12.69 15.31 -2.55
N ILE C 146 -12.33 15.73 -3.76
CA ILE C 146 -11.45 16.90 -3.91
C ILE C 146 -12.07 17.86 -4.92
N SER C 147 -12.24 19.12 -4.52
CA SER C 147 -12.87 20.15 -5.38
C SER C 147 -11.97 20.80 -6.38
N ASP C 148 -12.57 21.23 -7.49
CA ASP C 148 -11.85 21.89 -8.58
C ASP C 148 -11.28 23.19 -8.07
N SER C 149 -11.80 23.62 -6.94
CA SER C 149 -11.34 24.86 -6.34
C SER C 149 -9.98 24.66 -5.69
N ASP C 150 -9.59 23.41 -5.47
CA ASP C 150 -8.30 23.10 -4.88
C ASP C 150 -7.33 23.02 -6.04
N LYS C 151 -6.39 23.96 -6.05
CA LYS C 151 -5.43 24.01 -7.14
C LYS C 151 -4.42 22.88 -7.12
N ARG C 152 -4.52 22.02 -6.10
CA ARG C 152 -3.61 20.89 -5.97
C ARG C 152 -3.57 20.03 -7.24
N LYS C 153 -2.40 19.55 -7.61
CA LYS C 153 -2.29 18.70 -8.78
C LYS C 153 -1.92 17.25 -8.37
N TYR C 154 -1.31 17.12 -7.20
CA TYR C 154 -0.97 15.83 -6.59
C TYR C 154 -1.24 16.04 -5.12
N PHE C 155 -1.43 14.96 -4.40
CA PHE C 155 -1.70 15.12 -3.01
C PHE C 155 -1.59 13.81 -2.28
N ASP C 156 -1.69 13.89 -0.96
CA ASP C 156 -1.63 12.70 -0.18
C ASP C 156 -2.60 12.87 0.98
N LEU C 157 -2.90 11.78 1.68
CA LEU C 157 -3.85 11.77 2.77
C LEU C 157 -3.14 11.68 4.10
N ASN C 158 -3.65 12.44 5.05
CA ASN C 158 -3.05 12.48 6.36
C ASN C 158 -4.02 11.96 7.41
N ALA C 159 -3.66 10.84 8.02
CA ALA C 159 -4.49 10.22 9.06
C ALA C 159 -3.86 10.39 10.45
N GLN C 160 -4.63 11.07 11.30
CA GLN C 160 -4.22 11.39 12.65
C GLN C 160 -4.97 10.48 13.61
N PHE C 161 -4.23 9.90 14.57
CA PHE C 161 -4.87 9.03 15.54
C PHE C 161 -4.74 9.48 16.98
N PHE C 162 -5.80 9.23 17.75
CA PHE C 162 -5.86 9.57 19.18
C PHE C 162 -6.68 8.56 19.97
N TYR C 163 -6.47 8.56 21.27
CA TYR C 163 -7.25 7.69 22.17
C TYR C 163 -8.40 8.57 22.68
N GLY C 164 -9.45 7.93 23.18
CA GLY C 164 -10.60 8.68 23.70
C GLY C 164 -10.23 9.79 24.66
N CYS C 165 -9.31 9.51 25.58
CA CYS C 165 -8.85 10.49 26.55
C CYS C 165 -8.22 11.71 25.87
N GLY C 166 -8.04 11.62 24.56
CA GLY C 166 -7.46 12.73 23.83
C GLY C 166 -5.96 12.61 23.67
N MET C 167 -5.43 11.42 23.98
CA MET C 167 -4.00 11.15 23.85
C MET C 167 -3.69 11.06 22.34
N GLU C 168 -2.71 11.82 21.87
CA GLU C 168 -2.39 11.79 20.44
C GLU C 168 -1.28 10.84 20.01
N ILE C 169 -1.64 9.76 19.32
CA ILE C 169 -0.69 8.76 18.83
C ILE C 169 0.20 9.33 17.73
N GLY C 170 -0.42 9.86 16.67
CA GLY C 170 0.35 10.46 15.60
C GLY C 170 -0.41 10.61 14.29
N GLY C 171 0.25 11.26 13.34
CA GLY C 171 -0.33 11.45 12.02
C GLY C 171 0.53 10.67 11.01
N PHE C 172 -0.13 10.03 10.04
CA PHE C 172 0.59 9.24 9.05
C PHE C 172 0.09 9.53 7.67
N VAL C 173 1.00 9.73 6.72
CA VAL C 173 0.58 10.03 5.35
C VAL C 173 0.51 8.86 4.40
N SER C 174 -0.47 8.98 3.51
CA SER C 174 -0.70 8.01 2.48
C SER C 174 0.46 8.20 1.53
N GLN C 175 0.39 7.56 0.38
CA GLN C 175 1.39 7.65 -0.67
C GLN C 175 0.79 8.79 -1.59
N ARG C 176 1.49 9.22 -2.65
CA ARG C 176 1.06 10.32 -3.55
C ARG C 176 -0.14 10.05 -4.42
N ILE C 177 -1.06 11.01 -4.52
CA ILE C 177 -2.24 10.78 -5.32
C ILE C 177 -2.42 11.84 -6.40
N LYS C 178 -2.52 11.41 -7.65
CA LYS C 178 -2.68 12.38 -8.72
C LYS C 178 -4.14 12.62 -8.98
N VAL C 179 -4.48 13.87 -9.23
CA VAL C 179 -5.84 14.28 -9.50
C VAL C 179 -6.12 14.20 -11.00
N ILE C 180 -7.27 13.68 -11.38
CA ILE C 180 -7.63 13.64 -12.78
C ILE C 180 -9.00 14.25 -12.98
N SER C 181 -9.25 14.76 -14.19
CA SER C 181 -10.52 15.40 -14.51
C SER C 181 -11.58 14.37 -14.87
N LYS C 182 -11.18 13.28 -15.52
CA LYS C 182 -12.05 12.16 -15.93
C LYS C 182 -11.19 11.03 -16.45
N PRO C 183 -11.74 9.81 -16.49
CA PRO C 183 -10.97 8.68 -16.98
C PRO C 183 -10.56 9.00 -18.40
N SER C 184 -9.29 8.75 -18.72
CA SER C 184 -8.71 9.01 -20.02
C SER C 184 -9.39 8.27 -21.15
N LYS C 185 -9.65 8.97 -22.25
CA LYS C 185 -10.27 8.34 -23.42
C LYS C 185 -9.20 8.12 -24.49
N LYS C 186 -7.96 7.93 -24.06
CA LYS C 186 -6.86 7.68 -24.99
C LYS C 186 -7.14 6.37 -25.73
N LYS C 187 -6.88 6.35 -27.03
CA LYS C 187 -7.08 5.13 -27.83
C LYS C 187 -5.74 4.55 -28.26
N GLN C 188 -4.69 5.38 -28.16
CA GLN C 188 -3.33 4.99 -28.50
C GLN C 188 -2.46 5.23 -27.27
N SER C 189 -1.19 4.85 -27.35
CA SER C 189 -0.26 5.04 -26.24
C SER C 189 0.69 6.21 -26.50
N MET C 190 0.89 7.06 -25.48
CA MET C 190 1.78 8.21 -25.59
C MET C 190 3.14 7.94 -24.95
N LYS C 191 4.12 8.78 -25.27
CA LYS C 191 5.47 8.65 -24.73
C LYS C 191 5.66 9.35 -23.37
N ASN C 192 5.51 10.68 -23.40
CA ASN C 192 5.66 11.51 -22.19
C ASN C 192 4.63 11.21 -21.09
N THR C 193 3.34 11.24 -21.43
CA THR C 193 2.26 10.96 -20.47
C THR C 193 2.79 10.15 -19.30
N ASP C 194 2.91 10.79 -18.14
CA ASP C 194 3.41 10.09 -16.96
C ASP C 194 2.58 8.83 -16.74
N CYS C 195 2.97 7.78 -17.46
CA CYS C 195 2.31 6.51 -17.37
C CYS C 195 2.31 6.05 -15.92
N LYS C 196 3.23 6.61 -15.12
CA LYS C 196 3.37 6.26 -13.71
C LYS C 196 2.01 6.26 -13.02
N TYR C 197 1.12 7.14 -13.51
CA TYR C 197 -0.21 7.28 -12.95
C TYR C 197 -1.38 6.96 -13.84
N LEU C 198 -1.18 6.83 -15.14
CA LEU C 198 -2.33 6.56 -16.00
C LEU C 198 -2.39 5.16 -16.63
N CYS C 199 -1.23 4.57 -16.89
CA CYS C 199 -1.16 3.22 -17.44
C CYS C 199 -1.03 2.26 -16.26
N ILE C 200 -1.14 0.96 -16.56
CA ILE C 200 -1.05 -0.06 -15.52
C ILE C 200 0.09 -1.03 -15.80
N ALA C 201 1.16 -0.88 -15.01
CA ALA C 201 2.34 -1.73 -15.15
C ALA C 201 2.16 -3.19 -14.71
N SER C 202 2.76 -4.08 -15.49
CA SER C 202 2.67 -5.52 -15.31
C SER C 202 2.72 -6.17 -13.96
N GLY C 203 3.27 -5.52 -12.94
CA GLY C 203 3.28 -6.22 -11.67
C GLY C 203 2.74 -5.41 -10.53
N THR C 204 2.00 -4.37 -10.88
CA THR C 204 1.43 -3.48 -9.88
C THR C 204 0.13 -4.03 -9.35
N LYS C 205 -0.42 -3.39 -8.34
CA LYS C 205 -1.66 -3.86 -7.73
C LYS C 205 -2.81 -2.97 -8.21
N VAL C 206 -4.02 -3.53 -8.18
CA VAL C 206 -5.22 -2.78 -8.59
C VAL C 206 -6.43 -3.19 -7.77
N ALA C 207 -7.43 -2.31 -7.73
CA ALA C 207 -8.68 -2.59 -7.05
C ALA C 207 -9.66 -2.82 -8.20
N LEU C 208 -10.74 -3.52 -7.93
CA LEU C 208 -11.78 -3.82 -8.92
C LEU C 208 -13.08 -3.68 -8.20
N PHE C 209 -13.99 -2.91 -8.77
CA PHE C 209 -15.27 -2.74 -8.13
C PHE C 209 -16.42 -2.64 -9.12
N ASN C 210 -17.57 -3.11 -8.67
CA ASN C 210 -18.78 -3.13 -9.47
C ASN C 210 -19.76 -2.12 -8.94
N ARG C 211 -20.54 -1.54 -9.83
CA ARG C 211 -21.53 -0.55 -9.40
C ARG C 211 -22.73 -0.60 -10.32
N LEU C 212 -23.91 -0.80 -9.73
CA LEU C 212 -25.19 -0.92 -10.46
C LEU C 212 -25.91 0.36 -10.91
N ARG C 213 -25.93 0.57 -12.22
CA ARG C 213 -26.59 1.74 -12.78
C ARG C 213 -26.33 3.05 -12.06
N SER C 214 -25.06 3.45 -11.99
CA SER C 214 -24.67 4.71 -11.36
C SER C 214 -25.17 4.96 -9.94
N GLN C 215 -25.33 3.88 -9.17
CA GLN C 215 -25.80 4.07 -7.81
C GLN C 215 -24.72 3.77 -6.79
N THR C 216 -24.31 4.83 -6.09
CA THR C 216 -23.25 4.75 -5.09
C THR C 216 -23.42 3.62 -4.06
N VAL C 217 -24.57 3.58 -3.38
CA VAL C 217 -24.77 2.54 -2.37
C VAL C 217 -24.79 1.13 -2.97
N SER C 218 -24.47 0.98 -4.25
CA SER C 218 -24.45 -0.35 -4.85
C SER C 218 -23.02 -0.82 -5.18
N THR C 219 -22.04 0.02 -4.90
CA THR C 219 -20.65 -0.29 -5.18
C THR C 219 -20.23 -1.54 -4.39
N ARG C 220 -19.49 -2.43 -5.04
CA ARG C 220 -18.98 -3.60 -4.34
C ARG C 220 -17.58 -3.83 -4.85
N TYR C 221 -16.67 -4.12 -3.92
CA TYR C 221 -15.27 -4.36 -4.27
C TYR C 221 -14.84 -5.82 -4.18
N LEU C 222 -14.18 -6.30 -5.23
CA LEU C 222 -13.66 -7.67 -5.25
C LEU C 222 -12.81 -7.82 -4.01
N HIS C 223 -13.03 -8.88 -3.25
CA HIS C 223 -12.29 -9.05 -2.00
C HIS C 223 -12.23 -10.50 -1.49
N VAL C 224 -11.05 -11.03 -1.20
CA VAL C 224 -10.99 -12.40 -0.68
C VAL C 224 -11.40 -12.42 0.78
N GLU C 225 -12.35 -13.31 1.10
CA GLU C 225 -12.85 -13.51 2.47
C GLU C 225 -12.92 -15.03 2.59
N GLY C 226 -12.42 -15.58 3.70
CA GLY C 226 -12.45 -17.02 3.84
C GLY C 226 -11.84 -17.61 2.57
N ASN C 227 -10.55 -17.37 2.40
CA ASN C 227 -9.81 -17.84 1.24
C ASN C 227 -10.66 -18.12 -0.02
N ALA C 228 -11.58 -17.22 -0.31
CA ALA C 228 -12.48 -17.30 -1.46
C ALA C 228 -12.85 -15.88 -1.92
N PHE C 229 -13.12 -15.70 -3.22
CA PHE C 229 -13.47 -14.40 -3.73
C PHE C 229 -14.91 -13.98 -3.47
N HIS C 230 -15.09 -12.72 -3.09
CA HIS C 230 -16.38 -12.15 -2.81
C HIS C 230 -16.44 -10.70 -3.29
N ALA C 231 -17.40 -9.97 -2.77
CA ALA C 231 -17.57 -8.58 -3.12
C ALA C 231 -18.10 -7.88 -1.89
N SER C 232 -17.19 -7.25 -1.14
CA SER C 232 -17.56 -6.53 0.08
C SER C 232 -18.10 -5.17 -0.32
N SER C 233 -18.62 -4.44 0.65
CA SER C 233 -19.16 -3.10 0.39
C SER C 233 -18.38 -2.09 1.21
N THR C 234 -17.54 -2.59 2.09
CA THR C 234 -16.74 -1.73 2.95
C THR C 234 -15.25 -2.07 2.91
N LYS C 235 -14.93 -3.22 2.32
CA LYS C 235 -13.55 -3.63 2.21
C LYS C 235 -13.17 -3.97 0.78
N TRP C 236 -11.89 -3.85 0.46
CA TRP C 236 -11.44 -4.14 -0.89
C TRP C 236 -10.03 -4.66 -0.81
N GLY C 237 -9.65 -5.45 -1.79
CA GLY C 237 -8.32 -5.97 -1.78
C GLY C 237 -7.51 -5.43 -2.94
N ALA C 238 -6.20 -5.47 -2.78
CA ALA C 238 -5.32 -5.02 -3.82
C ALA C 238 -4.86 -6.29 -4.49
N PHE C 239 -4.89 -6.32 -5.82
CA PHE C 239 -4.49 -7.51 -6.53
C PHE C 239 -3.34 -7.21 -7.45
N THR C 240 -2.29 -8.00 -7.31
CA THR C 240 -1.14 -7.84 -8.17
C THR C 240 -1.68 -8.29 -9.49
N ILE C 241 -1.41 -7.55 -10.56
CA ILE C 241 -1.92 -7.92 -11.85
C ILE C 241 -0.77 -8.37 -12.73
N HIS C 242 -0.62 -9.69 -12.88
CA HIS C 242 0.44 -10.32 -13.69
C HIS C 242 0.10 -10.37 -15.16
N LEU C 243 1.00 -9.86 -15.97
CA LEU C 243 0.81 -9.82 -17.40
C LEU C 243 1.50 -11.01 -18.05
N PHE C 244 0.80 -11.69 -18.94
CA PHE C 244 1.36 -12.82 -19.66
C PHE C 244 1.69 -12.38 -21.07
N ASP C 245 2.94 -12.61 -21.48
CA ASP C 245 3.40 -12.24 -22.82
C ASP C 245 2.59 -13.06 -23.82
N ASP C 246 2.48 -12.59 -25.06
CA ASP C 246 1.74 -13.34 -26.08
C ASP C 246 2.60 -14.42 -26.75
N GLU C 247 2.06 -15.63 -26.81
CA GLU C 247 2.72 -16.78 -27.38
C GLU C 247 2.65 -16.82 -28.90
N ARG C 248 3.38 -15.92 -29.54
CA ARG C 248 3.37 -15.86 -30.99
C ARG C 248 4.47 -16.74 -31.56
N GLY C 249 5.58 -16.12 -31.91
CA GLY C 249 6.72 -16.82 -32.44
C GLY C 249 6.54 -17.82 -33.56
N LEU C 250 7.66 -18.09 -34.23
CA LEU C 250 7.75 -19.05 -35.32
C LEU C 250 7.17 -18.58 -36.65
N GLN C 251 6.26 -19.39 -37.19
CA GLN C 251 5.59 -19.11 -38.47
C GLN C 251 5.15 -17.66 -38.56
N GLU C 252 4.62 -17.16 -37.45
CA GLU C 252 4.13 -15.80 -37.37
C GLU C 252 5.25 -14.78 -37.30
N THR C 253 5.35 -13.96 -38.33
CA THR C 253 6.34 -12.90 -38.43
C THR C 253 5.60 -11.71 -39.04
N ASP C 254 4.79 -11.05 -38.21
CA ASP C 254 3.98 -9.91 -38.60
C ASP C 254 4.50 -8.66 -37.88
N ASN C 255 4.23 -8.60 -36.58
CA ASN C 255 4.69 -7.49 -35.75
C ASN C 255 6.13 -7.84 -35.34
N PHE C 256 6.66 -7.10 -34.38
CA PHE C 256 8.01 -7.36 -33.91
C PHE C 256 8.07 -7.20 -32.39
N ALA C 257 7.12 -6.44 -31.84
CA ALA C 257 7.06 -6.21 -30.39
C ALA C 257 5.92 -5.25 -29.98
N VAL C 258 5.68 -5.21 -28.66
CA VAL C 258 4.66 -4.38 -28.01
C VAL C 258 5.02 -4.46 -26.52
N ARG C 259 6.13 -5.14 -26.25
CA ARG C 259 6.65 -5.39 -24.91
C ARG C 259 7.07 -4.20 -24.05
N ASP C 260 6.12 -3.37 -23.62
CA ASP C 260 6.49 -2.23 -22.77
C ASP C 260 6.14 -2.49 -21.31
N GLY C 261 5.66 -3.71 -21.03
CA GLY C 261 5.31 -4.09 -19.67
C GLY C 261 3.89 -3.74 -19.25
N PHE C 262 3.29 -2.78 -19.95
CA PHE C 262 1.94 -2.36 -19.61
C PHE C 262 0.81 -3.27 -20.01
N VAL C 263 -0.33 -3.07 -19.38
CA VAL C 263 -1.49 -3.89 -19.65
C VAL C 263 -2.40 -3.30 -20.72
N TYR C 264 -2.49 -4.02 -21.83
CA TYR C 264 -3.31 -3.61 -22.95
C TYR C 264 -4.62 -4.40 -22.95
N TYR C 265 -5.59 -3.95 -23.74
CA TYR C 265 -6.82 -4.70 -23.80
C TYR C 265 -6.61 -5.92 -24.67
N GLY C 266 -7.31 -6.98 -24.31
CA GLY C 266 -7.15 -8.22 -25.03
C GLY C 266 -5.80 -8.70 -24.55
N SER C 267 -5.73 -9.01 -23.26
CA SER C 267 -4.48 -9.47 -22.66
C SER C 267 -4.77 -10.50 -21.58
N VAL C 268 -3.92 -11.51 -21.52
CA VAL C 268 -4.14 -12.50 -20.51
C VAL C 268 -3.50 -11.94 -19.28
N VAL C 269 -4.28 -11.90 -18.22
CA VAL C 269 -3.86 -11.34 -16.97
C VAL C 269 -4.21 -12.22 -15.78
N LYS C 270 -3.30 -12.31 -14.82
CA LYS C 270 -3.63 -13.11 -13.64
C LYS C 270 -3.73 -12.17 -12.44
N LEU C 271 -4.83 -12.25 -11.70
CA LEU C 271 -5.00 -11.39 -10.54
C LEU C 271 -4.84 -12.15 -9.22
N VAL C 272 -3.73 -11.92 -8.54
CA VAL C 272 -3.46 -12.55 -7.25
C VAL C 272 -3.76 -11.56 -6.10
N ASP C 273 -4.34 -12.04 -4.99
CA ASP C 273 -4.65 -11.18 -3.85
C ASP C 273 -3.38 -10.98 -3.02
N SER C 274 -2.83 -9.78 -3.11
CA SER C 274 -1.60 -9.40 -2.42
C SER C 274 -1.52 -9.81 -0.97
N VAL C 275 -2.66 -9.92 -0.31
CA VAL C 275 -2.67 -10.29 1.09
C VAL C 275 -2.50 -11.79 1.37
N THR C 276 -3.29 -12.61 0.67
CA THR C 276 -3.29 -14.09 0.81
C THR C 276 -3.27 -14.75 -0.55
N GLY C 277 -2.12 -15.31 -0.91
CA GLY C 277 -1.92 -15.97 -2.19
C GLY C 277 -3.06 -16.27 -3.18
N ILE C 278 -4.27 -16.45 -2.69
CA ILE C 278 -5.40 -16.75 -3.58
C ILE C 278 -5.35 -15.98 -4.90
N ALA C 279 -5.77 -16.62 -5.98
CA ALA C 279 -5.76 -15.97 -7.30
C ALA C 279 -6.98 -16.30 -8.17
N LEU C 280 -7.02 -15.72 -9.35
CA LEU C 280 -8.11 -15.94 -10.29
C LEU C 280 -7.55 -16.62 -11.55
N PRO C 281 -8.40 -17.40 -12.24
CA PRO C 281 -8.03 -18.12 -13.47
C PRO C 281 -7.55 -17.15 -14.55
N ARG C 282 -6.27 -17.23 -14.95
CA ARG C 282 -5.76 -16.31 -15.96
C ARG C 282 -6.79 -15.87 -17.01
N LEU C 283 -7.54 -14.80 -16.70
CA LEU C 283 -8.57 -14.23 -17.56
C LEU C 283 -8.06 -13.17 -18.55
N ARG C 284 -8.91 -12.76 -19.49
CA ARG C 284 -8.51 -11.75 -20.48
C ARG C 284 -9.31 -10.50 -20.28
N ILE C 285 -8.61 -9.36 -20.24
CA ILE C 285 -9.26 -8.10 -20.00
C ILE C 285 -9.73 -7.42 -21.29
N ARG C 286 -11.04 -7.11 -21.33
CA ARG C 286 -11.66 -6.46 -22.48
C ARG C 286 -12.32 -5.16 -22.02
N LYS C 287 -12.20 -4.14 -22.85
CA LYS C 287 -12.78 -2.81 -22.57
C LYS C 287 -14.28 -2.86 -22.82
N VAL C 288 -15.07 -2.32 -21.89
CA VAL C 288 -16.52 -2.29 -22.11
C VAL C 288 -17.01 -0.85 -22.30
N ASP C 289 -18.20 -0.74 -22.89
CA ASP C 289 -18.80 0.54 -23.19
C ASP C 289 -20.32 0.33 -23.17
N LYS C 290 -20.96 0.78 -22.10
CA LYS C 290 -22.39 0.64 -21.95
C LYS C 290 -22.78 -0.81 -22.25
N GLN C 291 -22.72 -1.65 -21.21
CA GLN C 291 -23.05 -3.08 -21.28
C GLN C 291 -22.57 -3.89 -22.49
N GLN C 292 -21.66 -3.34 -23.28
CA GLN C 292 -21.11 -4.04 -24.45
C GLN C 292 -19.60 -4.19 -24.42
N VAL C 293 -19.12 -5.43 -24.45
CA VAL C 293 -17.69 -5.71 -24.43
C VAL C 293 -17.07 -5.57 -25.83
N ILE C 294 -16.57 -4.39 -26.18
CA ILE C 294 -15.99 -4.20 -27.52
C ILE C 294 -14.77 -5.13 -27.82
N LEU C 295 -14.85 -5.87 -28.92
CA LEU C 295 -13.79 -6.79 -29.32
C LEU C 295 -13.07 -6.35 -30.60
N ASP C 296 -13.41 -5.15 -31.08
CA ASP C 296 -12.82 -4.56 -32.28
C ASP C 296 -11.35 -4.92 -32.41
N ALA C 297 -10.96 -5.40 -33.58
CA ALA C 297 -9.58 -5.80 -33.82
C ALA C 297 -8.57 -4.65 -33.68
N SER C 298 -8.96 -3.58 -33.00
CA SER C 298 -8.08 -2.43 -32.79
C SER C 298 -7.91 -2.11 -31.30
N CYS C 299 -8.88 -2.56 -30.50
CA CYS C 299 -8.88 -2.36 -29.06
C CYS C 299 -7.52 -2.68 -28.43
N SER C 300 -6.85 -3.69 -28.96
CA SER C 300 -5.56 -4.15 -28.44
C SER C 300 -4.43 -3.14 -28.54
N GLU C 301 -4.70 -1.99 -29.14
CA GLU C 301 -3.71 -0.93 -29.28
C GLU C 301 -3.97 0.07 -28.14
N GLU C 302 -5.06 -0.15 -27.41
CA GLU C 302 -5.44 0.71 -26.30
C GLU C 302 -5.00 0.14 -24.94
N PRO C 303 -4.10 0.86 -24.25
CA PRO C 303 -3.61 0.45 -22.93
C PRO C 303 -4.72 0.67 -21.93
N VAL C 304 -4.90 -0.25 -21.00
CA VAL C 304 -5.95 -0.08 -20.00
C VAL C 304 -5.61 1.17 -19.15
N SER C 305 -6.62 1.90 -18.70
CA SER C 305 -6.33 3.10 -17.92
C SER C 305 -7.14 3.30 -16.62
N GLN C 306 -6.63 4.18 -15.75
CA GLN C 306 -7.30 4.51 -14.51
C GLN C 306 -8.81 4.73 -14.66
N LEU C 307 -9.58 4.00 -13.86
CA LEU C 307 -11.03 4.11 -13.83
C LEU C 307 -11.77 3.75 -15.10
N HIS C 308 -11.17 2.92 -15.95
CA HIS C 308 -11.86 2.48 -17.17
C HIS C 308 -12.78 1.36 -16.77
N LYS C 309 -13.86 1.18 -17.52
CA LYS C 309 -14.77 0.09 -17.22
C LYS C 309 -14.24 -1.09 -18.04
N CYS C 310 -14.34 -2.30 -17.52
CA CYS C 310 -13.84 -3.47 -18.24
C CYS C 310 -14.50 -4.77 -17.77
N ALA C 311 -14.22 -5.87 -18.48
CA ALA C 311 -14.79 -7.18 -18.12
C ALA C 311 -13.73 -8.25 -18.29
N PHE C 312 -13.93 -9.36 -17.60
CA PHE C 312 -12.93 -10.42 -17.69
C PHE C 312 -13.44 -11.76 -18.22
N GLN C 313 -13.21 -12.01 -19.52
CA GLN C 313 -13.65 -13.24 -20.16
C GLN C 313 -12.68 -14.41 -19.99
N MET C 314 -13.22 -15.62 -20.06
CA MET C 314 -12.45 -16.86 -19.93
C MET C 314 -11.56 -17.08 -21.14
N ILE C 315 -10.43 -17.75 -20.92
CA ILE C 315 -9.52 -18.00 -22.04
C ILE C 315 -10.22 -18.84 -23.11
N ASP C 316 -10.77 -20.01 -22.69
CA ASP C 316 -11.49 -20.94 -23.55
C ASP C 316 -12.79 -20.32 -24.06
N ASN C 317 -13.81 -20.42 -23.22
CA ASN C 317 -15.15 -19.91 -23.50
C ASN C 317 -15.15 -18.38 -23.51
N GLU C 318 -14.60 -17.82 -24.58
CA GLU C 318 -14.54 -16.37 -24.73
C GLU C 318 -15.93 -15.75 -24.86
N LEU C 319 -16.89 -16.38 -24.18
CA LEU C 319 -18.27 -15.94 -24.17
C LEU C 319 -18.71 -15.80 -22.71
N VAL C 320 -17.83 -16.24 -21.81
CA VAL C 320 -18.07 -16.15 -20.36
C VAL C 320 -17.24 -15.01 -19.75
N TYR C 321 -17.73 -14.41 -18.67
CA TYR C 321 -17.00 -13.32 -18.03
C TYR C 321 -17.06 -13.36 -16.51
N LEU C 322 -16.01 -12.89 -15.84
CA LEU C 322 -16.07 -12.88 -14.38
C LEU C 322 -17.24 -11.98 -13.99
N CYS C 323 -18.22 -12.56 -13.33
CA CYS C 323 -19.37 -11.78 -12.96
C CYS C 323 -19.71 -11.73 -11.48
N LEU C 324 -20.42 -10.68 -11.10
CA LEU C 324 -20.86 -10.44 -9.74
C LEU C 324 -22.35 -10.74 -9.59
N SER C 325 -22.70 -11.40 -8.50
CA SER C 325 -24.09 -11.75 -8.20
C SER C 325 -24.25 -11.85 -6.70
N HIS C 326 -25.11 -11.01 -6.14
CA HIS C 326 -25.32 -11.04 -4.70
C HIS C 326 -23.99 -11.30 -4.02
N ASP C 327 -23.10 -10.32 -4.08
CA ASP C 327 -21.78 -10.40 -3.47
C ASP C 327 -21.18 -11.81 -3.53
N LYS C 328 -21.33 -12.43 -4.71
CA LYS C 328 -20.82 -13.78 -5.02
C LYS C 328 -20.16 -13.77 -6.43
N ILE C 329 -18.92 -14.25 -6.52
CA ILE C 329 -18.25 -14.23 -7.82
C ILE C 329 -18.51 -15.53 -8.56
N ILE C 330 -19.25 -15.39 -9.66
CA ILE C 330 -19.66 -16.51 -10.49
C ILE C 330 -19.30 -16.19 -11.94
N GLN C 331 -19.20 -17.20 -12.79
CA GLN C 331 -18.90 -16.89 -14.17
C GLN C 331 -20.21 -16.52 -14.86
N HIS C 332 -20.15 -16.07 -16.10
CA HIS C 332 -21.38 -15.65 -16.74
C HIS C 332 -21.35 -15.79 -18.24
N GLN C 333 -22.51 -16.11 -18.79
CA GLN C 333 -22.72 -16.33 -20.22
C GLN C 333 -23.15 -15.02 -20.84
N ALA C 334 -22.57 -14.67 -21.99
CA ALA C 334 -22.91 -13.43 -22.67
C ALA C 334 -23.29 -13.63 -24.13
N THR C 335 -24.43 -13.03 -24.51
CA THR C 335 -24.93 -13.12 -25.88
C THR C 335 -24.01 -12.34 -26.83
N ALA C 336 -23.81 -12.87 -28.04
CA ALA C 336 -22.93 -12.24 -29.03
C ALA C 336 -23.29 -10.81 -29.43
N ILE C 337 -24.50 -10.60 -29.92
CA ILE C 337 -24.92 -9.25 -30.34
C ILE C 337 -23.99 -8.62 -31.39
N ASN C 338 -23.10 -9.44 -31.94
CA ASN C 338 -22.14 -9.02 -32.95
C ASN C 338 -20.91 -9.93 -32.87
N GLU C 339 -20.00 -9.76 -33.82
CA GLU C 339 -18.78 -10.55 -33.85
C GLU C 339 -17.74 -9.71 -33.10
N HIS C 340 -17.90 -8.39 -33.18
CA HIS C 340 -17.01 -7.44 -32.52
C HIS C 340 -17.68 -6.77 -31.32
N ARG C 341 -18.67 -7.45 -30.75
CA ARG C 341 -19.41 -6.97 -29.57
C ARG C 341 -19.87 -8.11 -28.69
N HIS C 342 -20.58 -7.75 -27.63
CA HIS C 342 -21.09 -8.72 -26.67
C HIS C 342 -22.09 -7.99 -25.78
N GLN C 343 -23.04 -8.73 -25.22
CA GLN C 343 -24.04 -8.13 -24.36
C GLN C 343 -23.92 -8.70 -22.97
N ILE C 344 -23.21 -7.96 -22.13
CA ILE C 344 -22.95 -8.36 -20.74
C ILE C 344 -23.82 -7.57 -19.79
N ASN C 345 -24.22 -8.20 -18.70
CA ASN C 345 -25.03 -7.51 -17.70
C ASN C 345 -24.14 -6.65 -16.81
N ASP C 346 -24.75 -5.69 -16.13
CA ASP C 346 -23.99 -4.78 -15.26
C ASP C 346 -23.15 -5.54 -14.24
N GLY C 347 -23.58 -6.75 -13.88
CA GLY C 347 -22.86 -7.52 -12.90
C GLY C 347 -21.50 -8.02 -13.36
N ALA C 348 -21.20 -7.89 -14.64
CA ALA C 348 -19.92 -8.38 -15.15
C ALA C 348 -18.94 -7.31 -15.61
N ALA C 349 -19.31 -6.05 -15.37
CA ALA C 349 -18.50 -4.87 -15.73
C ALA C 349 -17.82 -4.25 -14.51
N TRP C 350 -16.49 -4.20 -14.52
CA TRP C 350 -15.78 -3.63 -13.39
C TRP C 350 -14.99 -2.40 -13.74
N THR C 351 -14.81 -1.53 -12.75
CA THR C 351 -14.01 -0.34 -12.96
C THR C 351 -12.71 -0.74 -12.31
N ILE C 352 -11.63 -0.57 -13.05
CA ILE C 352 -10.29 -0.91 -12.54
C ILE C 352 -9.52 0.35 -12.12
N ILE C 353 -8.73 0.24 -11.07
CA ILE C 353 -7.95 1.39 -10.68
C ILE C 353 -6.71 0.98 -9.95
N SER C 354 -5.58 1.61 -10.29
CA SER C 354 -4.30 1.32 -9.63
C SER C 354 -4.25 1.68 -8.15
N THR C 355 -3.58 0.82 -7.40
CA THR C 355 -3.51 0.99 -5.98
C THR C 355 -2.11 1.09 -5.37
N ASP C 356 -2.01 1.77 -4.22
CA ASP C 356 -0.75 1.93 -3.51
C ASP C 356 -0.88 1.68 -1.99
N LYS C 357 0.24 1.51 -1.31
CA LYS C 357 0.25 1.25 0.12
C LYS C 357 1.33 2.06 0.83
N ALA C 358 1.10 2.39 2.09
CA ALA C 358 2.11 3.11 2.90
C ALA C 358 2.10 2.40 4.25
N GLU C 359 3.24 1.88 4.67
CA GLU C 359 3.31 1.19 5.95
C GLU C 359 4.23 1.88 6.94
N TYR C 360 3.80 1.94 8.20
CA TYR C 360 4.63 2.54 9.24
C TYR C 360 4.71 1.56 10.40
N ARG C 361 5.92 1.38 10.91
CA ARG C 361 6.17 0.47 12.03
C ARG C 361 6.83 1.16 13.18
N PHE C 362 6.35 0.92 14.39
CA PHE C 362 6.99 1.55 15.54
C PHE C 362 6.86 0.76 16.84
N PHE C 363 7.73 1.08 17.79
CA PHE C 363 7.69 0.48 19.12
C PHE C 363 8.28 1.41 20.16
N GLU C 364 7.51 1.62 21.24
CA GLU C 364 7.93 2.43 22.38
C GLU C 364 8.67 1.47 23.36
N ALA C 365 9.87 1.06 22.96
CA ALA C 365 10.73 0.13 23.69
C ALA C 365 10.89 0.48 25.16
N MET C 366 11.36 1.68 25.44
CA MET C 366 11.52 2.11 26.82
C MET C 366 10.12 2.49 27.28
N GLY C 367 9.99 3.52 28.10
CA GLY C 367 8.63 3.86 28.53
C GLY C 367 7.53 4.04 27.46
N GLN C 368 6.58 4.90 27.73
CA GLN C 368 5.53 5.20 26.78
C GLN C 368 5.59 6.69 26.65
N VAL C 369 6.38 7.16 25.69
CA VAL C 369 6.60 8.57 25.46
C VAL C 369 5.42 9.56 25.58
N ALA C 370 5.74 10.83 25.82
CA ALA C 370 4.73 11.86 25.99
C ALA C 370 4.36 12.50 24.66
N ASN C 371 5.32 12.52 23.73
CA ASN C 371 5.12 13.07 22.39
C ASN C 371 4.48 12.04 21.46
N PRO C 372 3.92 12.50 20.34
CA PRO C 372 3.32 11.48 19.47
C PRO C 372 4.49 10.77 18.79
N ILE C 373 4.20 9.76 17.97
CA ILE C 373 5.27 9.10 17.24
C ILE C 373 5.35 9.86 15.93
N SER C 374 4.17 10.34 15.53
CA SER C 374 3.92 11.08 14.31
C SER C 374 4.95 11.02 13.19
N PRO C 375 6.01 11.84 13.26
CA PRO C 375 6.95 11.72 12.12
C PRO C 375 7.77 10.41 12.08
N CYS C 376 7.20 9.34 11.50
CA CYS C 376 7.93 8.08 11.42
C CYS C 376 8.98 8.17 10.36
N PRO C 377 10.23 7.93 10.72
CA PRO C 377 11.24 8.02 9.66
C PRO C 377 11.02 6.88 8.68
N VAL C 378 11.32 7.13 7.41
CA VAL C 378 11.19 6.09 6.43
C VAL C 378 12.53 5.95 5.75
N VAL C 379 13.08 4.74 5.76
CA VAL C 379 14.39 4.56 5.15
C VAL C 379 14.22 3.95 3.78
N GLY C 380 14.82 4.61 2.79
CA GLY C 380 14.67 4.13 1.42
C GLY C 380 15.77 3.20 0.96
N SER C 381 17.00 3.59 1.20
CA SER C 381 18.11 2.75 0.80
C SER C 381 19.23 3.08 1.74
N LEU C 382 20.14 2.13 1.92
CA LEU C 382 21.28 2.28 2.79
C LEU C 382 22.51 2.12 1.92
N GLU C 383 23.25 3.21 1.75
CA GLU C 383 24.44 3.22 0.91
C GLU C 383 25.71 3.11 1.75
N VAL C 384 26.67 2.30 1.31
CA VAL C 384 27.94 2.15 2.02
C VAL C 384 29.11 2.59 1.12
N ASP C 385 29.61 3.79 1.36
CA ASP C 385 30.69 4.35 0.55
C ASP C 385 31.94 4.56 1.40
N GLY C 386 33.08 4.65 0.73
CA GLY C 386 34.34 4.84 1.42
C GLY C 386 34.67 3.60 2.21
N HIS C 387 35.88 3.04 2.01
CA HIS C 387 36.22 1.84 2.74
C HIS C 387 37.29 2.04 3.82
N GLY C 388 38.01 0.97 4.13
CA GLY C 388 39.03 1.07 5.15
C GLY C 388 38.37 1.29 6.50
N GLU C 389 39.10 1.93 7.41
CA GLU C 389 38.59 2.20 8.75
C GLU C 389 37.58 3.36 8.74
N ALA C 390 37.64 4.21 7.71
CA ALA C 390 36.75 5.35 7.60
C ALA C 390 35.52 5.00 6.76
N SER C 391 35.18 3.71 6.72
CA SER C 391 34.01 3.23 5.98
C SER C 391 32.77 3.81 6.62
N ARG C 392 31.86 4.33 5.79
CA ARG C 392 30.63 4.91 6.31
C ARG C 392 29.35 4.40 5.65
N VAL C 393 28.25 4.63 6.34
CA VAL C 393 26.94 4.24 5.84
C VAL C 393 26.06 5.49 5.70
N GLU C 394 25.55 5.69 4.49
CA GLU C 394 24.67 6.83 4.20
C GLU C 394 23.25 6.28 4.18
N LEU C 395 22.37 6.89 4.95
CA LEU C 395 20.98 6.48 4.94
C LEU C 395 20.21 7.57 4.20
N HIS C 396 19.45 7.14 3.21
CA HIS C 396 18.63 8.02 2.37
C HIS C 396 17.20 7.64 2.66
N GLY C 397 16.40 8.63 3.06
CA GLY C 397 15.01 8.37 3.35
C GLY C 397 14.15 9.62 3.41
N ARG C 398 13.19 9.63 4.33
CA ARG C 398 12.29 10.75 4.50
C ARG C 398 11.88 10.85 5.95
N ASP C 399 11.72 12.08 6.41
CA ASP C 399 11.31 12.36 7.77
C ASP C 399 12.30 12.06 8.88
N PHE C 400 13.56 12.04 8.49
CA PHE C 400 14.61 11.85 9.47
C PHE C 400 14.55 13.13 10.31
N LYS C 401 14.98 13.05 11.55
CA LYS C 401 15.00 14.21 12.43
C LYS C 401 16.28 14.08 13.23
N PRO C 402 16.76 15.19 13.78
CA PRO C 402 17.98 15.20 14.57
C PRO C 402 17.97 14.28 15.83
N ASN C 403 16.80 13.88 16.32
CA ASN C 403 16.72 13.03 17.51
C ASN C 403 16.67 11.50 17.22
N LEU C 404 17.46 11.04 16.25
CA LEU C 404 17.48 9.63 15.89
C LEU C 404 18.91 9.09 15.81
N LYS C 405 19.12 7.88 16.30
CA LYS C 405 20.44 7.26 16.25
C LYS C 405 20.24 5.96 15.50
N VAL C 406 21.14 5.62 14.57
CA VAL C 406 20.96 4.38 13.84
C VAL C 406 21.61 3.25 14.62
N TRP C 407 20.89 2.15 14.76
CA TRP C 407 21.40 1.01 15.48
C TRP C 407 21.71 -0.13 14.54
N PHE C 408 22.68 -0.95 14.93
CA PHE C 408 23.04 -2.14 14.16
C PHE C 408 22.67 -3.26 15.14
N GLY C 409 21.49 -3.82 14.98
CA GLY C 409 21.06 -4.85 15.90
C GLY C 409 20.89 -4.10 17.21
N ALA C 410 21.67 -4.47 18.23
CA ALA C 410 21.61 -3.82 19.54
C ALA C 410 22.84 -2.97 19.80
N THR C 411 23.53 -2.57 18.74
CA THR C 411 24.73 -1.76 18.84
C THR C 411 24.46 -0.34 18.26
N PRO C 412 24.21 0.68 19.11
CA PRO C 412 23.96 2.04 18.61
C PRO C 412 25.22 2.78 18.19
N VAL C 413 25.25 3.28 16.96
CA VAL C 413 26.40 4.00 16.45
C VAL C 413 26.25 5.50 16.50
N GLU C 414 27.30 6.18 16.09
CA GLU C 414 27.37 7.64 16.05
C GLU C 414 26.59 8.06 14.82
N THR C 415 25.53 8.82 15.04
CA THR C 415 24.69 9.25 13.92
C THR C 415 24.74 10.76 13.64
N THR C 416 25.17 11.12 12.43
CA THR C 416 25.22 12.51 12.04
C THR C 416 24.03 12.84 11.13
N PHE C 417 23.20 13.81 11.55
CA PHE C 417 22.04 14.24 10.79
C PHE C 417 22.39 15.26 9.72
N ARG C 418 22.11 14.96 8.46
CA ARG C 418 22.37 15.90 7.37
C ARG C 418 21.08 16.70 7.15
N SER C 419 20.06 16.01 6.62
CA SER C 419 18.75 16.62 6.36
C SER C 419 17.66 15.60 6.59
N GLU C 420 16.40 16.05 6.64
CA GLU C 420 15.31 15.09 6.83
C GLU C 420 15.35 13.97 5.78
N GLU C 421 16.21 14.12 4.76
CA GLU C 421 16.36 13.05 3.77
C GLU C 421 17.73 12.40 3.83
N SER C 422 18.57 12.76 4.82
CA SER C 422 19.93 12.23 4.91
C SER C 422 20.58 12.02 6.27
N LEU C 423 21.10 10.82 6.51
CA LEU C 423 21.82 10.49 7.76
C LEU C 423 23.05 9.68 7.38
N HIS C 424 24.08 9.75 8.21
CA HIS C 424 25.24 8.93 7.93
C HIS C 424 25.87 8.58 9.26
N CYS C 425 26.48 7.41 9.29
CA CYS C 425 27.11 6.93 10.50
C CYS C 425 28.29 6.07 10.09
N SER C 426 28.96 5.50 11.09
CA SER C 426 30.08 4.63 10.83
C SER C 426 29.66 3.23 11.11
N ILE C 427 30.29 2.27 10.47
CA ILE C 427 29.98 0.87 10.71
C ILE C 427 30.65 0.47 12.01
N PRO C 428 29.95 -0.29 12.87
CA PRO C 428 30.60 -0.69 14.13
C PRO C 428 31.47 -1.91 13.81
N PRO C 429 32.54 -2.12 14.57
CA PRO C 429 33.41 -3.28 14.33
C PRO C 429 32.67 -4.59 14.54
N VAL C 430 32.69 -5.46 13.54
CA VAL C 430 32.01 -6.76 13.61
C VAL C 430 32.01 -7.29 15.04
N SER C 431 33.22 -7.38 15.59
CA SER C 431 33.42 -7.87 16.93
C SER C 431 32.45 -7.31 17.97
N GLN C 432 32.13 -6.03 17.90
CA GLN C 432 31.25 -5.51 18.91
C GLN C 432 29.77 -5.56 18.57
N VAL C 433 29.44 -5.95 17.34
CA VAL C 433 28.05 -5.99 16.92
C VAL C 433 27.21 -7.17 17.47
N ARG C 434 27.86 -8.09 18.19
CA ARG C 434 27.16 -9.22 18.79
C ARG C 434 27.97 -10.00 19.85
N ASN C 435 27.25 -10.54 20.83
CA ASN C 435 27.86 -11.31 21.92
C ASN C 435 27.21 -12.70 21.93
N GLU C 436 27.46 -13.47 22.99
CA GLU C 436 26.87 -14.81 23.08
C GLU C 436 25.36 -14.70 23.20
N GLN C 437 24.93 -13.76 24.03
CA GLN C 437 23.50 -13.51 24.27
C GLN C 437 22.79 -13.30 22.94
N THR C 438 23.50 -12.74 21.97
CA THR C 438 22.90 -12.44 20.67
C THR C 438 23.59 -13.09 19.49
N HIS C 439 24.55 -13.96 19.71
CA HIS C 439 25.26 -14.59 18.59
C HIS C 439 24.25 -15.20 17.62
N TRP C 440 23.38 -16.03 18.18
CA TRP C 440 22.37 -16.69 17.39
C TRP C 440 21.70 -15.76 16.37
N MET C 441 20.85 -14.86 16.87
CA MET C 441 20.08 -13.95 16.04
C MET C 441 20.83 -13.15 14.97
N PHE C 442 22.05 -12.70 15.22
CA PHE C 442 22.74 -11.92 14.19
C PHE C 442 23.75 -12.69 13.32
N THR C 443 23.59 -14.01 13.22
CA THR C 443 24.51 -14.80 12.39
C THR C 443 23.68 -15.61 11.42
N ASN C 444 24.05 -15.55 10.14
CA ASN C 444 23.35 -16.30 9.10
C ASN C 444 23.68 -17.78 9.22
N ARG C 445 22.77 -18.53 9.83
CA ARG C 445 22.93 -19.97 10.05
C ARG C 445 23.54 -20.73 8.86
N THR C 446 23.30 -20.21 7.66
CA THR C 446 23.80 -20.84 6.44
C THR C 446 25.23 -20.36 6.15
N THR C 447 25.34 -19.17 5.57
CA THR C 447 26.63 -18.57 5.23
C THR C 447 27.53 -18.42 6.44
N GLY C 448 26.90 -18.20 7.60
CA GLY C 448 27.64 -18.04 8.84
C GLY C 448 28.09 -16.61 9.07
N ASP C 449 27.63 -15.70 8.22
CA ASP C 449 27.98 -14.28 8.31
C ASP C 449 27.14 -13.46 9.31
N VAL C 450 27.62 -12.27 9.60
CA VAL C 450 26.92 -11.39 10.51
C VAL C 450 25.96 -10.51 9.73
N GLU C 451 24.69 -10.55 10.13
CA GLU C 451 23.69 -9.77 9.47
C GLU C 451 22.87 -9.15 10.56
N VAL C 452 22.91 -7.83 10.66
CA VAL C 452 22.16 -7.14 11.71
C VAL C 452 21.10 -6.23 11.15
N PRO C 453 19.93 -6.24 11.78
CA PRO C 453 18.84 -5.39 11.32
C PRO C 453 19.20 -3.96 11.63
N ILE C 454 18.83 -3.03 10.75
CA ILE C 454 19.12 -1.62 10.94
C ILE C 454 17.88 -0.90 11.44
N SER C 455 17.95 -0.21 12.57
CA SER C 455 16.79 0.51 13.08
C SER C 455 17.20 1.96 13.27
N LEU C 456 16.24 2.87 13.40
CA LEU C 456 16.54 4.26 13.70
C LEU C 456 15.80 4.34 15.02
N VAL C 457 16.51 4.77 16.07
CA VAL C 457 15.90 4.86 17.39
C VAL C 457 15.84 6.33 17.72
N ARG C 458 14.69 6.75 18.26
CA ARG C 458 14.43 8.14 18.61
C ARG C 458 14.82 8.29 20.08
N ASP C 459 15.56 9.34 20.43
CA ASP C 459 15.99 9.54 21.81
C ASP C 459 15.04 9.31 22.97
N ASP C 460 13.75 9.08 22.74
CA ASP C 460 12.88 8.79 23.88
C ASP C 460 12.48 7.30 23.89
N GLY C 461 13.32 6.50 23.24
CA GLY C 461 13.15 5.07 23.19
C GLY C 461 12.23 4.45 22.17
N VAL C 462 11.76 5.23 21.21
CA VAL C 462 10.88 4.68 20.18
C VAL C 462 11.71 4.05 19.08
N VAL C 463 11.38 2.78 18.77
CA VAL C 463 12.12 2.08 17.73
C VAL C 463 11.36 1.90 16.43
N TYR C 464 12.07 2.21 15.34
CA TYR C 464 11.50 2.12 14.00
C TYR C 464 12.31 1.16 13.14
N SER C 465 11.72 0.02 12.85
CA SER C 465 12.43 -0.97 12.04
C SER C 465 12.62 -0.34 10.67
N SER C 466 13.82 -0.44 10.14
CA SER C 466 14.11 0.13 8.86
C SER C 466 13.56 -0.81 7.79
N GLY C 467 13.46 -2.08 8.13
CA GLY C 467 13.04 -3.03 7.14
C GLY C 467 14.28 -3.51 6.40
N LEU C 468 15.39 -2.80 6.55
CA LEU C 468 16.66 -3.14 5.91
C LEU C 468 17.59 -3.97 6.81
N THR C 469 18.55 -4.67 6.20
CA THR C 469 19.53 -5.53 6.92
C THR C 469 20.97 -5.30 6.48
N PHE C 470 21.84 -4.97 7.42
CA PHE C 470 23.25 -4.74 7.08
C PHE C 470 24.11 -6.01 7.22
N SER C 471 24.51 -6.61 6.12
CA SER C 471 25.35 -7.79 6.22
C SER C 471 26.79 -7.33 6.26
N TYR C 472 27.58 -7.92 7.14
CA TYR C 472 28.95 -7.50 7.24
C TYR C 472 29.89 -7.93 6.12
N LYS C 473 29.38 -8.74 5.18
CA LYS C 473 30.19 -9.16 4.02
C LYS C 473 30.90 -7.91 3.52
N SER C 474 30.29 -6.76 3.85
CA SER C 474 30.76 -5.42 3.50
C SER C 474 31.02 -5.31 2.01
C1 EDO D . -3.44 -6.23 5.50
O1 EDO D . -4.66 -5.84 4.98
C2 EDO D . -2.35 -6.14 4.56
O2 EDO D . -1.16 -5.52 4.94
C1 EDO E . 14.48 -3.88 10.65
O1 EDO E . 15.02 -3.45 9.46
C2 EDO E . 15.13 -3.32 11.82
O2 EDO E . 14.38 -3.13 12.96
C1 EDO F . -6.43 -3.43 0.67
O1 EDO F . -7.47 -2.96 1.43
C2 EDO F . -5.73 -4.58 1.20
O2 EDO F . -6.47 -5.69 1.66
C1 EDO G . 6.17 3.99 3.90
O1 EDO G . 5.74 2.85 3.24
C2 EDO G . 6.40 5.15 3.05
O2 EDO G . 7.19 5.01 1.91
C1 EDO H . 9.57 7.01 0.47
O1 EDO H . 8.33 7.60 0.56
C2 EDO H . 10.62 7.71 1.17
O2 EDO H . 11.91 7.23 1.10
C1 EDO I . -11.56 7.39 -6.95
O1 EDO I . -11.80 8.31 -7.96
C2 EDO I . -10.16 7.23 -6.55
O2 EDO I . -9.70 7.71 -5.30
C1 EDO J . -19.05 0.13 -13.48
O1 EDO J . -19.27 1.38 -12.94
C2 EDO J . -18.90 -0.95 -12.53
O2 EDO J . -19.81 -2.00 -12.55
C1 EDO K . -16.25 9.18 -8.47
O1 EDO K . -16.57 8.76 -7.20
C2 EDO K . -15.37 8.29 -9.21
O2 EDO K . -14.46 8.84 -10.11
C1 EDO L . 3.91 -7.51 -2.23
O1 EDO L . 2.70 -7.15 -1.69
C2 EDO L . 4.10 -7.12 -3.61
O2 EDO L . 4.33 -8.08 -4.60
#